data_5HNO
#
_entry.id   5HNO
#
_cell.length_a   141.750
_cell.length_b   53.550
_cell.length_c   87.470
_cell.angle_alpha   90.00
_cell.angle_beta   125.77
_cell.angle_gamma   90.00
#
_symmetry.space_group_name_H-M   'C 1 2 1'
#
loop_
_entity.id
_entity.type
_entity.pdbx_description
1 polymer 'ABC type transport system putative ATP binding protein'
2 non-polymer 'CHLORIDE ION'
3 water water
#
_entity_poly.entity_id   1
_entity_poly.type   'polypeptide(L)'
_entity_poly.pdbx_seq_one_letter_code
;MHHHHHHENLYFQGADQGSAEEVSVEELKAIQLRTTNEATGEKRFGSARAIIEDLTIYKSDGTTLAEKPLIKSGEEVTFD
FTILASEEIKDIALGISMSKAQGGDIWGDSNIGAGSAITLRPGRQRIVYKATLPINSGDYLIHCGLAKVGNGDREELDQR
RPMMKVKFWSARELGGVIHAPLKIISNGES
;
_entity_poly.pdbx_strand_id   A,B,C
#
loop_
_chem_comp.id
_chem_comp.type
_chem_comp.name
_chem_comp.formula
CL non-polymer 'CHLORIDE ION' 'Cl -1'
#
# COMPACT_ATOMS: atom_id res chain seq x y z
N GLU A 21 25.70 -4.40 -9.66
CA GLU A 21 26.38 -4.64 -10.94
C GLU A 21 27.47 -3.59 -11.16
N GLU A 22 27.68 -3.21 -12.43
CA GLU A 22 28.81 -2.38 -12.80
C GLU A 22 28.40 -0.95 -13.19
N VAL A 23 27.44 -0.38 -12.47
CA VAL A 23 27.01 0.99 -12.74
C VAL A 23 27.82 1.97 -11.89
N SER A 24 28.23 3.08 -12.51
CA SER A 24 29.04 4.08 -11.81
C SER A 24 28.18 5.24 -11.33
N VAL A 25 28.68 5.98 -10.36
CA VAL A 25 27.98 7.17 -9.88
C VAL A 25 27.88 8.19 -11.01
N GLU A 26 28.89 8.23 -11.88
CA GLU A 26 28.85 9.11 -13.05
C GLU A 26 27.65 8.78 -13.93
N GLU A 27 27.45 7.49 -14.19
CA GLU A 27 26.32 7.05 -15.00
C GLU A 27 24.98 7.37 -14.32
N LEU A 28 24.92 7.15 -13.01
CA LEU A 28 23.68 7.42 -12.27
C LEU A 28 23.35 8.90 -12.25
N LYS A 29 24.36 9.76 -12.19
CA LYS A 29 24.09 11.20 -12.20
C LYS A 29 23.54 11.61 -13.56
N ALA A 30 24.07 11.01 -14.63
CA ALA A 30 23.58 11.30 -15.97
C ALA A 30 22.12 10.87 -16.12
N ILE A 31 21.81 9.67 -15.64
CA ILE A 31 20.44 9.15 -15.70
C ILE A 31 19.51 10.02 -14.87
N GLN A 32 19.97 10.41 -13.70
CA GLN A 32 19.21 11.28 -12.82
C GLN A 32 18.77 12.56 -13.54
N LEU A 33 19.69 13.18 -14.27
CA LEU A 33 19.39 14.44 -14.95
C LEU A 33 18.46 14.27 -16.15
N ARG A 34 18.67 13.24 -16.95
CA ARG A 34 17.91 13.10 -18.20
C ARG A 34 16.57 12.41 -18.02
N THR A 35 16.35 11.76 -16.88
CA THR A 35 15.07 11.09 -16.60
C THR A 35 14.24 11.84 -15.57
N THR A 36 14.50 13.15 -15.46
CA THR A 36 13.66 14.01 -14.64
C THR A 36 12.32 14.20 -15.35
N ASN A 37 11.23 14.09 -14.61
CA ASN A 37 9.89 14.17 -15.19
C ASN A 37 9.49 15.62 -15.49
N GLU A 38 9.39 15.95 -16.77
CA GLU A 38 9.11 17.32 -17.19
C GLU A 38 7.63 17.68 -17.03
N ALA A 39 6.76 16.68 -17.15
CA ALA A 39 5.32 16.90 -17.08
C ALA A 39 4.91 17.50 -15.74
N THR A 40 5.61 17.11 -14.69
CA THR A 40 5.32 17.57 -13.35
C THR A 40 6.26 18.71 -12.94
N GLY A 41 7.15 19.08 -13.85
CA GLY A 41 8.16 20.08 -13.54
C GLY A 41 9.06 19.62 -12.43
N GLU A 42 9.37 18.33 -12.42
CA GLU A 42 10.17 17.73 -11.36
C GLU A 42 11.49 18.44 -11.15
N LYS A 43 11.78 18.79 -9.90
CA LYS A 43 13.15 19.10 -9.49
C LYS A 43 13.72 17.84 -8.87
N ARG A 44 14.96 17.55 -9.22
CA ARG A 44 15.63 16.34 -8.78
C ARG A 44 17.04 16.68 -8.33
N PHE A 45 17.41 16.24 -7.14
CA PHE A 45 18.78 16.47 -6.66
C PHE A 45 19.29 15.35 -5.76
N GLY A 46 20.58 15.39 -5.49
CA GLY A 46 21.23 14.38 -4.66
C GLY A 46 22.55 13.94 -5.27
N SER A 47 23.32 13.19 -4.49
CA SER A 47 24.64 12.72 -4.91
C SER A 47 24.56 11.67 -6.00
N ALA A 48 23.41 10.99 -6.05
CA ALA A 48 23.12 9.92 -7.01
C ALA A 48 24.05 8.71 -6.85
N ARG A 49 24.60 8.51 -5.65
CA ARG A 49 25.34 7.29 -5.38
C ARG A 49 24.39 6.11 -5.53
N ALA A 50 23.12 6.37 -5.28
CA ALA A 50 22.03 5.50 -5.68
C ALA A 50 20.88 6.39 -6.13
N ILE A 51 20.00 5.87 -6.99
CA ILE A 51 18.86 6.64 -7.44
C ILE A 51 17.58 5.83 -7.47
N ILE A 52 16.47 6.55 -7.42
CA ILE A 52 15.16 5.95 -7.66
C ILE A 52 14.95 5.88 -9.16
N GLU A 53 15.17 4.71 -9.74
CA GLU A 53 15.12 4.56 -11.19
C GLU A 53 13.68 4.63 -11.66
N ASP A 54 12.79 3.96 -10.94
CA ASP A 54 11.39 3.86 -11.34
C ASP A 54 10.49 3.66 -10.14
N LEU A 55 9.25 4.10 -10.28
CA LEU A 55 8.21 3.78 -9.32
C LEU A 55 6.98 3.37 -10.11
N THR A 56 6.50 2.16 -9.82
CA THR A 56 5.27 1.65 -10.40
C THR A 56 4.27 1.47 -9.28
N ILE A 57 3.05 1.94 -9.50
CA ILE A 57 2.03 1.90 -8.46
C ILE A 57 0.91 0.98 -8.88
N TYR A 58 0.55 0.06 -7.98
CA TYR A 58 -0.53 -0.87 -8.21
C TYR A 58 -1.71 -0.54 -7.32
N LYS A 59 -2.92 -0.67 -7.87
CA LYS A 59 -4.13 -0.56 -7.07
C LYS A 59 -4.53 -1.94 -6.60
N SER A 60 -5.51 -2.00 -5.71
CA SER A 60 -5.87 -3.26 -5.07
C SER A 60 -6.37 -4.30 -6.07
N ASP A 61 -6.83 -3.86 -7.24
CA ASP A 61 -7.31 -4.78 -8.27
C ASP A 61 -6.16 -5.34 -9.12
N GLY A 62 -4.94 -4.92 -8.83
CA GLY A 62 -3.76 -5.43 -9.51
C GLY A 62 -3.32 -4.63 -10.72
N THR A 63 -4.12 -3.63 -11.10
CA THR A 63 -3.79 -2.79 -12.24
C THR A 63 -2.80 -1.70 -11.83
N THR A 64 -1.96 -1.27 -12.77
CA THR A 64 -1.03 -0.17 -12.49
C THR A 64 -1.68 1.18 -12.76
N LEU A 65 -1.09 2.24 -12.22
CA LEU A 65 -1.57 3.58 -12.51
C LEU A 65 -1.48 3.87 -14.00
N ALA A 66 -0.46 3.30 -14.64
CA ALA A 66 -0.28 3.46 -16.07
C ALA A 66 -1.47 2.88 -16.84
N GLU A 67 -1.98 1.75 -16.37
CA GLU A 67 -3.11 1.09 -17.02
C GLU A 67 -4.42 1.80 -16.69
N LYS A 68 -4.57 2.20 -15.42
CA LYS A 68 -5.75 2.90 -14.94
C LYS A 68 -5.33 4.04 -14.03
N PRO A 69 -5.14 5.25 -14.59
CA PRO A 69 -4.55 6.39 -13.86
C PRO A 69 -5.49 6.98 -12.82
N LEU A 70 -5.80 6.19 -11.80
CA LEU A 70 -6.83 6.56 -10.87
C LEU A 70 -6.81 5.67 -9.64
N ILE A 71 -6.81 6.28 -8.45
CA ILE A 71 -6.84 5.53 -7.19
C ILE A 71 -8.14 5.82 -6.45
N LYS A 72 -8.81 4.78 -5.98
CA LYS A 72 -10.04 4.96 -5.22
C LYS A 72 -9.71 5.40 -3.80
N SER A 73 -10.37 6.46 -3.33
CA SER A 73 -10.17 6.92 -1.97
C SER A 73 -10.34 5.75 -0.99
N GLY A 74 -9.33 5.57 -0.13
CA GLY A 74 -9.38 4.57 0.92
C GLY A 74 -8.82 3.19 0.57
N GLU A 75 -8.43 2.97 -0.68
CA GLU A 75 -7.99 1.63 -1.06
C GLU A 75 -6.51 1.41 -0.76
N GLU A 76 -6.13 0.14 -0.76
CA GLU A 76 -4.75 -0.29 -0.54
CA GLU A 76 -4.74 -0.23 -0.53
C GLU A 76 -3.94 -0.12 -1.82
N VAL A 77 -2.80 0.56 -1.73
CA VAL A 77 -1.96 0.89 -2.87
C VAL A 77 -0.60 0.25 -2.65
N THR A 78 0.02 -0.26 -3.71
CA THR A 78 1.35 -0.85 -3.63
C THR A 78 2.35 0.00 -4.41
N PHE A 79 3.45 0.34 -3.75
CA PHE A 79 4.49 1.14 -4.37
C PHE A 79 5.70 0.27 -4.67
N ASP A 80 5.98 0.06 -5.95
CA ASP A 80 7.06 -0.81 -6.39
C ASP A 80 8.20 0.04 -6.90
N PHE A 81 9.20 0.25 -6.05
CA PHE A 81 10.37 1.05 -6.37
C PHE A 81 11.47 0.20 -6.99
N THR A 82 12.08 0.70 -8.06
CA THR A 82 13.31 0.13 -8.57
C THR A 82 14.41 1.12 -8.25
N ILE A 83 15.39 0.65 -7.49
CA ILE A 83 16.52 1.47 -7.05
C ILE A 83 17.80 0.98 -7.72
N LEU A 84 18.57 1.89 -8.30
CA LEU A 84 19.89 1.59 -8.85
C LEU A 84 20.96 2.11 -7.90
N ALA A 85 21.95 1.30 -7.59
CA ALA A 85 23.03 1.72 -6.69
C ALA A 85 24.40 1.48 -7.31
N SER A 86 25.29 2.44 -7.13
CA SER A 86 26.64 2.35 -7.67
C SER A 86 27.57 1.56 -6.75
N GLU A 87 27.10 1.31 -5.54
CA GLU A 87 27.88 0.58 -4.54
C GLU A 87 26.97 0.19 -3.38
N GLU A 88 27.47 -0.62 -2.45
CA GLU A 88 26.70 -0.95 -1.27
C GLU A 88 26.52 0.29 -0.39
N ILE A 89 25.28 0.53 0.05
CA ILE A 89 24.97 1.64 0.94
C ILE A 89 24.07 1.19 2.09
N LYS A 90 24.60 1.25 3.31
CA LYS A 90 23.85 0.86 4.49
C LYS A 90 23.01 2.00 5.06
N ASP A 91 21.99 1.66 5.83
CA ASP A 91 21.17 2.65 6.55
C ASP A 91 20.50 3.64 5.60
N ILE A 92 19.73 3.09 4.68
CA ILE A 92 19.04 3.86 3.66
C ILE A 92 17.66 4.30 4.14
N ALA A 93 17.27 5.52 3.75
CA ALA A 93 15.89 5.99 3.95
C ALA A 93 15.22 6.21 2.61
N LEU A 94 14.18 5.43 2.35
CA LEU A 94 13.38 5.61 1.14
C LEU A 94 12.00 6.11 1.54
N GLY A 95 11.77 7.40 1.32
CA GLY A 95 10.53 8.03 1.75
C GLY A 95 9.61 8.34 0.59
N ILE A 96 8.32 8.41 0.91
CA ILE A 96 7.32 8.81 -0.07
C ILE A 96 6.34 9.76 0.61
N SER A 97 5.83 10.71 -0.15
CA SER A 97 4.85 11.65 0.38
C SER A 97 3.94 12.12 -0.73
N MET A 98 2.84 12.74 -0.33
CA MET A 98 1.91 13.31 -1.29
C MET A 98 1.48 14.70 -0.85
N SER A 99 1.26 15.56 -1.83
CA SER A 99 0.81 16.92 -1.58
C SER A 99 -0.24 17.30 -2.61
N LYS A 100 -0.88 18.43 -2.37
CA LYS A 100 -1.87 18.98 -3.29
C LYS A 100 -1.46 20.36 -3.77
N ALA A 101 -1.35 20.52 -5.08
CA ALA A 101 -1.05 21.82 -5.68
C ALA A 101 0.27 22.37 -5.14
N GLN A 102 0.24 23.57 -4.56
CA GLN A 102 1.45 24.19 -4.01
C GLN A 102 1.52 24.03 -2.49
N GLY A 103 0.70 23.15 -1.96
CA GLY A 103 0.65 22.92 -0.52
C GLY A 103 1.77 22.03 -0.04
N GLY A 104 1.93 21.96 1.28
CA GLY A 104 2.87 21.03 1.88
C GLY A 104 2.31 19.62 1.85
N ASP A 105 3.14 18.66 2.23
CA ASP A 105 2.74 17.26 2.25
C ASP A 105 1.52 17.06 3.16
N ILE A 106 0.56 16.26 2.68
CA ILE A 106 -0.61 15.90 3.47
C ILE A 106 -0.43 14.49 4.04
N TRP A 107 0.52 13.76 3.47
CA TRP A 107 0.85 12.42 3.91
C TRP A 107 2.31 12.14 3.61
N GLY A 108 3.00 11.49 4.55
CA GLY A 108 4.36 11.06 4.30
C GLY A 108 4.81 9.98 5.27
N ASP A 109 5.65 9.08 4.78
CA ASP A 109 6.24 8.04 5.62
C ASP A 109 7.48 7.47 4.95
N SER A 110 8.19 6.60 5.67
CA SER A 110 9.39 5.96 5.13
C SER A 110 9.64 4.64 5.84
N ASN A 111 10.63 3.90 5.36
CA ASN A 111 11.01 2.64 6.00
C ASN A 111 11.54 2.85 7.40
N ILE A 112 12.15 4.01 7.63
CA ILE A 112 12.72 4.32 8.94
C ILE A 112 11.60 4.38 9.99
N GLY A 113 10.55 5.13 9.68
CA GLY A 113 9.39 5.21 10.55
C GLY A 113 8.78 3.84 10.75
N ALA A 114 8.74 3.06 9.68
CA ALA A 114 8.15 1.73 9.71
C ALA A 114 9.05 0.73 10.45
N GLY A 115 10.29 1.13 10.71
CA GLY A 115 11.19 0.32 11.51
C GLY A 115 11.87 -0.77 10.72
N SER A 116 12.01 -0.54 9.42
CA SER A 116 12.61 -1.53 8.52
C SER A 116 13.90 -1.00 7.92
N ALA A 117 15.02 -1.56 8.37
CA ALA A 117 16.32 -1.17 7.85
C ALA A 117 16.48 -1.65 6.41
N ILE A 118 17.06 -0.79 5.57
CA ILE A 118 17.36 -1.14 4.18
C ILE A 118 18.84 -0.92 3.92
N THR A 119 19.46 -1.93 3.32
CA THR A 119 20.81 -1.79 2.78
C THR A 119 20.78 -2.08 1.29
N LEU A 120 21.21 -1.10 0.50
CA LEU A 120 21.27 -1.26 -0.94
C LEU A 120 22.51 -2.04 -1.36
N ARG A 121 22.34 -2.93 -2.33
CA ARG A 121 23.46 -3.63 -2.94
C ARG A 121 23.77 -2.97 -4.28
N PRO A 122 24.98 -3.20 -4.81
CA PRO A 122 25.31 -2.66 -6.14
C PRO A 122 24.34 -3.15 -7.22
N GLY A 123 23.97 -2.26 -8.13
CA GLY A 123 23.10 -2.60 -9.24
C GLY A 123 21.63 -2.35 -8.96
N ARG A 124 20.77 -3.09 -9.65
CA ARG A 124 19.34 -2.86 -9.60
C ARG A 124 18.67 -3.74 -8.56
N GLN A 125 17.75 -3.15 -7.80
CA GLN A 125 16.99 -3.89 -6.80
C GLN A 125 15.62 -3.26 -6.61
N ARG A 126 14.72 -3.99 -5.95
CA ARG A 126 13.37 -3.51 -5.72
C ARG A 126 13.04 -3.37 -4.24
N ILE A 127 12.35 -2.29 -3.93
CA ILE A 127 11.80 -2.05 -2.60
C ILE A 127 10.31 -1.82 -2.79
N VAL A 128 9.51 -2.54 -2.02
CA VAL A 128 8.07 -2.51 -2.21
C VAL A 128 7.35 -2.17 -0.90
N TYR A 129 6.54 -1.12 -0.97
CA TYR A 129 5.71 -0.66 0.15
C TYR A 129 4.24 -0.80 -0.16
N LYS A 130 3.42 -0.89 0.89
CA LYS A 130 1.98 -0.71 0.77
C LYS A 130 1.50 0.35 1.72
N ALA A 131 0.43 1.04 1.32
CA ALA A 131 -0.30 1.92 2.23
C ALA A 131 -1.76 1.98 1.82
N THR A 132 -2.61 2.11 2.83
CA THR A 132 -4.04 2.28 2.62
C THR A 132 -4.32 3.77 2.74
N LEU A 133 -4.72 4.40 1.65
CA LEU A 133 -4.68 5.86 1.57
C LEU A 133 -6.08 6.50 1.56
N PRO A 134 -6.53 6.97 2.73
CA PRO A 134 -7.85 7.59 2.82
C PRO A 134 -7.78 9.06 2.40
N ILE A 135 -7.55 9.27 1.11
CA ILE A 135 -7.42 10.60 0.55
C ILE A 135 -8.61 10.93 -0.35
N ASN A 136 -9.25 12.07 -0.09
CA ASN A 136 -10.43 12.48 -0.83
C ASN A 136 -10.14 12.76 -2.29
N SER A 137 -11.19 12.69 -3.10
CA SER A 137 -11.10 12.97 -4.53
C SER A 137 -10.30 14.24 -4.83
N GLY A 138 -9.41 14.15 -5.81
CA GLY A 138 -8.70 15.33 -6.28
C GLY A 138 -7.40 14.98 -6.98
N ASP A 139 -6.71 16.03 -7.41
CA ASP A 139 -5.41 15.89 -8.06
C ASP A 139 -4.28 16.14 -7.07
N TYR A 140 -3.35 15.19 -6.99
CA TYR A 140 -2.26 15.26 -6.04
C TYR A 140 -0.93 15.02 -6.74
N LEU A 141 0.14 15.19 -5.98
CA LEU A 141 1.50 14.97 -6.46
C LEU A 141 2.20 13.98 -5.55
N ILE A 142 2.96 13.08 -6.16
CA ILE A 142 3.75 12.12 -5.40
C ILE A 142 5.21 12.54 -5.41
N HIS A 143 5.78 12.57 -4.21
CA HIS A 143 7.18 12.88 -4.01
C HIS A 143 7.85 11.68 -3.38
N CYS A 144 9.10 11.44 -3.78
N CYS A 144 9.10 11.42 -3.74
CA CYS A 144 9.88 10.33 -3.23
CA CYS A 144 9.83 10.38 -3.06
C CYS A 144 11.30 10.82 -2.97
C CYS A 144 11.31 10.71 -3.02
N GLY A 145 11.95 10.25 -1.96
CA GLY A 145 13.33 10.61 -1.66
C GLY A 145 14.11 9.43 -1.18
N LEU A 146 15.34 9.35 -1.67
CA LEU A 146 16.31 8.35 -1.26
C LEU A 146 17.47 9.06 -0.61
N ALA A 147 17.85 8.62 0.59
CA ALA A 147 18.94 9.24 1.33
C ALA A 147 19.63 8.24 2.24
N LYS A 148 20.85 8.56 2.65
CA LYS A 148 21.55 7.79 3.67
C LYS A 148 21.40 8.52 4.99
N VAL A 149 20.77 7.87 5.96
CA VAL A 149 20.55 8.51 7.26
C VAL A 149 21.90 8.62 7.98
N GLY A 150 22.11 9.75 8.66
CA GLY A 150 23.36 10.02 9.33
C GLY A 150 23.74 8.96 10.34
N ARG A 154 22.23 13.58 7.21
CA ARG A 154 21.65 12.95 6.04
C ARG A 154 22.42 13.30 4.76
N GLU A 155 22.65 12.29 3.93
CA GLU A 155 23.14 12.50 2.57
C GLU A 155 22.01 12.26 1.60
N GLU A 156 21.55 13.31 0.92
CA GLU A 156 20.51 13.13 -0.09
C GLU A 156 21.13 12.42 -1.29
N LEU A 157 20.55 11.27 -1.64
CA LEU A 157 21.01 10.49 -2.77
C LEU A 157 20.21 10.85 -4.01
N ASP A 158 18.88 10.83 -3.88
CA ASP A 158 18.01 11.13 -5.00
C ASP A 158 16.65 11.57 -4.49
N GLN A 159 16.40 12.87 -4.60
CA GLN A 159 15.12 13.46 -4.19
C GLN A 159 14.31 13.82 -5.41
N ARG A 160 13.08 13.33 -5.47
CA ARG A 160 12.24 13.51 -6.66
C ARG A 160 10.96 14.24 -6.27
N ARG A 161 10.90 15.52 -6.63
CA ARG A 161 9.86 16.43 -6.16
C ARG A 161 9.32 17.32 -7.28
N PRO A 162 8.12 17.01 -7.81
CA PRO A 162 7.31 15.81 -7.64
C PRO A 162 7.68 14.77 -8.70
N MET A 163 7.63 13.50 -8.32
CA MET A 163 7.98 12.44 -9.24
C MET A 163 6.86 12.16 -10.26
N MET A 164 5.61 12.29 -9.82
CA MET A 164 4.48 12.00 -10.70
C MET A 164 3.16 12.54 -10.15
N LYS A 165 2.19 12.68 -11.04
CA LYS A 165 0.83 13.08 -10.64
C LYS A 165 0.04 11.85 -10.25
N VAL A 166 -0.94 12.04 -9.37
CA VAL A 166 -1.87 10.98 -9.05
C VAL A 166 -3.24 11.59 -8.80
N LYS A 167 -4.26 10.95 -9.36
CA LYS A 167 -5.63 11.38 -9.15
C LYS A 167 -6.36 10.40 -8.25
N PHE A 168 -6.95 10.91 -7.18
CA PHE A 168 -7.84 10.11 -6.35
C PHE A 168 -9.28 10.40 -6.72
N TRP A 169 -10.13 9.39 -6.62
CA TRP A 169 -11.55 9.57 -6.86
CA TRP A 169 -11.56 9.55 -6.87
C TRP A 169 -12.40 8.73 -5.92
N SER A 170 -13.60 9.22 -5.66
CA SER A 170 -14.61 8.43 -4.98
CA SER A 170 -14.62 8.44 -4.98
C SER A 170 -15.98 9.04 -5.29
N ALA A 171 -16.98 8.19 -5.41
CA ALA A 171 -18.33 8.67 -5.62
C ALA A 171 -18.83 9.23 -4.28
N ARG A 172 -18.21 8.79 -3.20
CA ARG A 172 -18.50 9.33 -1.88
C ARG A 172 -17.74 10.63 -1.68
N GLU A 173 -18.48 11.71 -1.47
CA GLU A 173 -17.90 13.04 -1.37
C GLU A 173 -17.73 13.47 0.09
N LEU A 174 -16.58 14.08 0.38
CA LEU A 174 -16.30 14.64 1.70
C LEU A 174 -15.60 15.99 1.59
N GLY A 175 -15.54 16.71 2.71
CA GLY A 175 -14.76 17.92 2.80
C GLY A 175 -13.35 17.63 3.28
N GLY A 176 -12.43 18.56 2.99
CA GLY A 176 -11.04 18.40 3.39
C GLY A 176 -10.34 17.34 2.56
N VAL A 177 -9.22 16.82 3.06
CA VAL A 177 -8.46 15.80 2.35
C VAL A 177 -8.68 14.40 2.90
N ILE A 178 -9.19 14.31 4.13
CA ILE A 178 -9.28 13.02 4.79
C ILE A 178 -10.57 12.30 4.45
N HIS A 179 -10.41 11.13 3.82
CA HIS A 179 -11.56 10.32 3.45
C HIS A 179 -11.96 9.42 4.61
N ALA A 180 -12.80 9.97 5.47
CA ALA A 180 -13.33 9.25 6.61
C ALA A 180 -14.84 9.43 6.64
N PRO A 181 -15.56 8.70 5.78
CA PRO A 181 -17.01 8.92 5.69
C PRO A 181 -17.74 8.55 6.98
N LEU A 182 -18.67 9.42 7.38
CA LEU A 182 -19.55 9.15 8.49
C LEU A 182 -20.48 8.00 8.15
N LYS A 183 -20.78 7.17 9.13
CA LYS A 183 -21.91 6.26 9.01
C LYS A 183 -22.98 6.72 9.98
N ILE A 184 -24.21 6.80 9.47
CA ILE A 184 -25.34 7.26 10.25
C ILE A 184 -25.93 6.08 11.00
N ILE A 185 -25.78 6.07 12.31
CA ILE A 185 -26.24 4.97 13.14
C ILE A 185 -27.71 5.14 13.50
N SER A 186 -27.99 6.20 14.25
CA SER A 186 -29.35 6.50 14.70
C SER A 186 -29.82 7.82 14.11
N ASN A 187 -30.93 7.76 13.37
CA ASN A 187 -31.51 8.94 12.77
C ASN A 187 -32.51 9.62 13.70
N GLU B 22 -44.31 23.21 22.95
CA GLU B 22 -43.35 22.17 23.30
C GLU B 22 -42.10 22.83 23.91
N VAL B 23 -41.18 23.28 23.06
CA VAL B 23 -40.12 24.18 23.48
C VAL B 23 -40.19 25.37 22.53
N SER B 24 -40.13 26.58 23.08
CA SER B 24 -40.28 27.77 22.26
C SER B 24 -38.97 28.05 21.55
N VAL B 25 -39.08 28.52 20.30
CA VAL B 25 -37.90 28.99 19.57
C VAL B 25 -37.25 30.09 20.40
N GLU B 26 -38.09 30.84 21.12
CA GLU B 26 -37.62 31.88 22.02
C GLU B 26 -36.66 31.28 23.04
N GLU B 27 -37.02 30.13 23.59
CA GLU B 27 -36.16 29.42 24.51
C GLU B 27 -34.89 28.95 23.81
N LEU B 28 -35.06 28.35 22.64
CA LEU B 28 -33.94 27.81 21.88
C LEU B 28 -32.95 28.91 21.51
N LYS B 29 -33.48 30.09 21.20
CA LYS B 29 -32.63 31.25 20.93
C LYS B 29 -31.84 31.62 22.18
N ALA B 30 -32.52 31.58 23.33
CA ALA B 30 -31.87 31.87 24.60
C ALA B 30 -30.85 30.79 24.96
N ILE B 31 -31.22 29.53 24.76
CA ILE B 31 -30.31 28.41 24.96
C ILE B 31 -29.05 28.60 24.12
N GLN B 32 -29.25 28.93 22.85
CA GLN B 32 -28.17 29.06 21.89
C GLN B 32 -27.18 30.14 22.31
N LEU B 33 -27.71 31.29 22.70
CA LEU B 33 -26.91 32.43 23.11
C LEU B 33 -26.20 32.13 24.43
N ARG B 34 -26.90 31.42 25.31
CA ARG B 34 -26.40 31.12 26.65
C ARG B 34 -25.28 30.09 26.61
N THR B 35 -25.55 28.97 25.95
CA THR B 35 -24.62 27.84 25.91
C THR B 35 -23.67 27.96 24.73
N THR B 36 -22.60 28.73 24.92
CA THR B 36 -21.58 28.92 23.89
C THR B 36 -20.19 28.79 24.53
N ASN B 37 -19.45 27.77 24.11
CA ASN B 37 -18.14 27.48 24.69
C ASN B 37 -17.11 28.57 24.37
N GLU B 38 -16.64 29.24 25.41
CA GLU B 38 -15.72 30.37 25.25
C GLU B 38 -14.26 29.93 25.32
N ALA B 39 -14.03 28.69 25.75
CA ALA B 39 -12.67 28.14 25.81
C ALA B 39 -12.09 27.96 24.41
N THR B 40 -12.98 27.91 23.41
CA THR B 40 -12.55 27.81 22.02
C THR B 40 -12.92 29.08 21.24
N GLY B 41 -13.63 29.98 21.89
CA GLY B 41 -14.09 31.19 21.25
C GLY B 41 -15.16 30.86 20.22
N GLU B 42 -16.10 30.01 20.62
CA GLU B 42 -17.16 29.56 19.73
C GLU B 42 -18.01 30.73 19.26
N LYS B 43 -18.12 30.87 17.95
CA LYS B 43 -19.08 31.78 17.35
C LYS B 43 -20.24 30.96 16.80
N ARG B 44 -21.44 31.31 17.23
CA ARG B 44 -22.62 30.49 17.01
C ARG B 44 -23.75 31.29 16.37
N PHE B 45 -24.28 30.79 15.26
CA PHE B 45 -25.35 31.49 14.55
C PHE B 45 -26.37 30.52 13.94
N GLY B 46 -27.50 31.07 13.50
CA GLY B 46 -28.58 30.29 12.93
C GLY B 46 -29.94 30.73 13.45
N SER B 47 -31.00 30.33 12.76
CA SER B 47 -32.35 30.74 13.12
C SER B 47 -32.78 30.14 14.45
N ALA B 48 -32.12 29.06 14.85
CA ALA B 48 -32.37 28.37 16.11
C ALA B 48 -33.77 27.76 16.20
N ARG B 49 -34.43 27.59 15.05
CA ARG B 49 -35.67 26.81 15.00
C ARG B 49 -35.41 25.44 15.60
N ALA B 50 -34.22 24.92 15.33
CA ALA B 50 -33.69 23.76 16.02
C ALA B 50 -32.23 24.05 16.34
N ILE B 51 -31.71 23.43 17.40
CA ILE B 51 -30.33 23.65 17.82
C ILE B 51 -29.62 22.35 18.12
N ILE B 52 -28.30 22.39 18.02
CA ILE B 52 -27.46 21.31 18.54
C ILE B 52 -27.27 21.58 20.02
N GLU B 53 -28.12 20.98 20.84
CA GLU B 53 -28.11 21.21 22.28
C GLU B 53 -26.77 20.81 22.88
N ASP B 54 -26.24 19.68 22.42
CA ASP B 54 -24.91 19.25 22.84
C ASP B 54 -24.35 18.17 21.93
N LEU B 55 -23.03 18.02 21.97
CA LEU B 55 -22.35 16.93 21.31
C LEU B 55 -21.42 16.22 22.30
N THR B 56 -21.54 14.91 22.38
CA THR B 56 -20.64 14.10 23.19
C THR B 56 -19.92 13.11 22.30
N ILE B 57 -18.62 12.98 22.52
CA ILE B 57 -17.77 12.13 21.68
C ILE B 57 -17.23 10.96 22.48
N TYR B 58 -17.44 9.75 21.96
CA TYR B 58 -16.98 8.52 22.59
C TYR B 58 -15.88 7.88 21.76
N LYS B 59 -14.88 7.32 22.45
CA LYS B 59 -13.79 6.60 21.80
C LYS B 59 -14.15 5.13 21.66
N SER B 60 -13.28 4.35 21.01
CA SER B 60 -13.56 2.95 20.75
C SER B 60 -13.70 2.13 22.03
N ASP B 61 -12.94 2.51 23.06
CA ASP B 61 -13.00 1.81 24.34
C ASP B 61 -14.26 2.17 25.12
N GLY B 62 -15.05 3.10 24.59
CA GLY B 62 -16.30 3.48 25.21
C GLY B 62 -16.20 4.70 26.12
N THR B 63 -14.99 5.21 26.29
CA THR B 63 -14.79 6.39 27.15
C THR B 63 -15.01 7.68 26.37
N THR B 64 -15.30 8.76 27.10
CA THR B 64 -15.54 10.06 26.49
C THR B 64 -14.25 10.86 26.40
N LEU B 65 -14.34 12.06 25.83
CA LEU B 65 -13.19 12.96 25.79
C LEU B 65 -12.94 13.57 27.15
N ALA B 66 -14.01 13.83 27.91
CA ALA B 66 -13.87 14.30 29.27
C ALA B 66 -13.12 13.26 30.11
N GLU B 67 -13.43 11.99 29.86
CA GLU B 67 -12.76 10.89 30.57
C GLU B 67 -11.33 10.70 30.08
N LYS B 68 -11.14 10.75 28.76
CA LYS B 68 -9.81 10.75 28.16
C LYS B 68 -9.83 11.58 26.88
N PRO B 69 -9.28 12.81 26.93
CA PRO B 69 -9.43 13.75 25.82
C PRO B 69 -8.55 13.42 24.61
N LEU B 70 -7.83 12.32 24.67
CA LEU B 70 -7.02 11.86 23.56
C LEU B 70 -7.80 10.92 22.66
N ILE B 71 -7.62 11.09 21.35
CA ILE B 71 -8.07 10.11 20.38
C ILE B 71 -6.83 9.51 19.72
N LYS B 72 -6.77 8.18 19.65
CA LYS B 72 -5.66 7.55 18.95
C LYS B 72 -5.92 7.65 17.45
N SER B 73 -4.87 7.97 16.69
CA SER B 73 -4.97 8.01 15.23
C SER B 73 -5.54 6.69 14.72
N GLY B 74 -6.58 6.77 13.90
CA GLY B 74 -7.18 5.59 13.29
C GLY B 74 -8.27 4.95 14.13
N GLU B 75 -8.56 5.54 15.28
CA GLU B 75 -9.59 5.02 16.17
C GLU B 75 -10.98 5.32 15.63
N GLU B 76 -11.94 4.45 15.95
CA GLU B 76 -13.33 4.69 15.58
C GLU B 76 -13.99 5.53 16.66
N VAL B 77 -14.62 6.61 16.22
CA VAL B 77 -15.21 7.60 17.12
C VAL B 77 -16.72 7.69 16.91
N THR B 78 -17.44 7.94 17.99
CA THR B 78 -18.89 8.10 17.95
C THR B 78 -19.28 9.53 18.31
N PHE B 79 -20.08 10.15 17.45
CA PHE B 79 -20.58 11.50 17.69
C PHE B 79 -22.04 11.42 18.10
N ASP B 80 -22.33 11.73 19.35
CA ASP B 80 -23.66 11.63 19.92
C ASP B 80 -24.29 13.03 20.03
N PHE B 81 -25.15 13.36 19.08
CA PHE B 81 -25.80 14.67 19.05
C PHE B 81 -27.12 14.67 19.81
N THR B 82 -27.30 15.66 20.68
CA THR B 82 -28.61 15.97 21.23
C THR B 82 -29.17 17.16 20.46
N ILE B 83 -30.22 16.91 19.69
CA ILE B 83 -30.84 17.95 18.89
C ILE B 83 -32.18 18.32 19.51
N LEU B 84 -32.36 19.62 19.72
CA LEU B 84 -33.57 20.15 20.33
C LEU B 84 -34.30 21.04 19.33
N ALA B 85 -35.50 20.64 18.93
CA ALA B 85 -36.27 21.34 17.90
C ALA B 85 -37.58 21.89 18.44
N SER B 86 -37.89 23.13 18.06
CA SER B 86 -39.14 23.77 18.45
C SER B 86 -40.31 23.31 17.58
N GLU B 87 -39.99 22.69 16.45
CA GLU B 87 -41.01 22.22 15.51
C GLU B 87 -40.42 21.18 14.56
N GLU B 88 -41.27 20.56 13.76
CA GLU B 88 -40.80 19.61 12.76
C GLU B 88 -40.03 20.34 11.65
N ILE B 89 -39.00 19.69 11.13
CA ILE B 89 -38.19 20.26 10.06
C ILE B 89 -37.69 19.14 9.13
N LYS B 90 -38.21 19.11 7.91
CA LYS B 90 -37.82 18.09 6.94
C LYS B 90 -36.49 18.43 6.28
N ASP B 91 -35.80 17.39 5.80
CA ASP B 91 -34.60 17.54 4.98
C ASP B 91 -33.55 18.47 5.57
N ILE B 92 -32.99 18.10 6.72
CA ILE B 92 -31.93 18.87 7.34
C ILE B 92 -30.57 18.29 7.02
N ALA B 93 -29.54 19.11 7.20
CA ALA B 93 -28.16 18.65 7.10
C ALA B 93 -27.48 18.86 8.45
N LEU B 94 -27.05 17.76 9.05
CA LEU B 94 -26.31 17.79 10.30
C LEU B 94 -24.87 17.37 9.99
N GLY B 95 -23.99 18.36 9.98
CA GLY B 95 -22.62 18.15 9.56
C GLY B 95 -21.63 18.31 10.69
N ILE B 96 -20.43 17.79 10.48
CA ILE B 96 -19.34 17.92 11.42
C ILE B 96 -18.05 18.03 10.64
N SER B 97 -17.10 18.80 11.16
CA SER B 97 -15.81 18.91 10.52
C SER B 97 -14.71 19.14 11.53
N MET B 98 -13.48 19.07 11.05
CA MET B 98 -12.31 19.26 11.88
C MET B 98 -11.26 20.07 11.14
N SER B 99 -10.62 20.97 11.87
CA SER B 99 -9.55 21.78 11.31
C SER B 99 -8.35 21.75 12.24
N LYS B 100 -7.17 22.02 11.70
CA LYS B 100 -5.98 22.09 12.51
C LYS B 100 -6.10 23.33 13.37
N ALA B 101 -5.52 23.27 14.58
CA ALA B 101 -5.62 24.38 15.52
C ALA B 101 -5.23 25.70 14.87
N GLN B 102 -4.50 25.61 13.76
CA GLN B 102 -4.14 26.77 12.95
C GLN B 102 -4.34 26.48 11.46
N GLY B 103 -5.58 26.53 10.98
CA GLY B 103 -5.85 26.29 9.57
C GLY B 103 -7.30 26.02 9.19
N GLY B 104 -7.50 25.60 7.95
CA GLY B 104 -8.82 25.26 7.45
C GLY B 104 -9.12 23.77 7.62
N ASP B 105 -10.36 23.38 7.33
CA ASP B 105 -10.81 22.01 7.54
C ASP B 105 -9.94 20.96 6.83
N ILE B 106 -9.62 19.90 7.56
CA ILE B 106 -8.92 18.75 6.98
C ILE B 106 -9.88 17.60 6.73
N TRP B 107 -11.05 17.68 7.37
CA TRP B 107 -12.09 16.65 7.28
C TRP B 107 -13.45 17.24 7.55
N GLY B 108 -14.44 16.84 6.76
CA GLY B 108 -15.81 17.26 7.00
C GLY B 108 -16.77 16.32 6.31
N ASP B 109 -17.92 16.10 6.95
CA ASP B 109 -18.94 15.23 6.36
C ASP B 109 -20.28 15.48 7.02
N SER B 110 -21.33 14.91 6.45
CA SER B 110 -22.68 15.08 6.99
C SER B 110 -23.56 13.94 6.52
N ASN B 111 -24.81 13.94 6.99
CA ASN B 111 -25.79 12.96 6.53
C ASN B 111 -26.06 13.13 5.03
N ILE B 112 -25.94 14.35 4.54
CA ILE B 112 -26.15 14.63 3.13
C ILE B 112 -25.10 13.92 2.29
N GLY B 113 -23.84 14.05 2.68
CA GLY B 113 -22.76 13.33 2.02
C GLY B 113 -22.95 11.82 2.07
N ALA B 114 -23.50 11.34 3.18
CA ALA B 114 -23.74 9.91 3.36
C ALA B 114 -24.97 9.43 2.61
N GLY B 115 -25.75 10.37 2.09
CA GLY B 115 -26.95 10.04 1.33
C GLY B 115 -28.11 9.64 2.22
N SER B 116 -28.10 10.13 3.46
CA SER B 116 -29.09 9.77 4.45
C SER B 116 -29.95 10.98 4.84
N ALA B 117 -31.21 10.96 4.44
CA ALA B 117 -32.11 12.06 4.76
C ALA B 117 -32.50 12.01 6.25
N ILE B 118 -32.67 13.18 6.84
CA ILE B 118 -33.10 13.29 8.23
C ILE B 118 -34.18 14.36 8.39
N THR B 119 -35.21 14.03 9.16
CA THR B 119 -36.26 14.99 9.50
C THR B 119 -36.35 15.12 11.02
N LEU B 120 -36.29 16.35 11.50
CA LEU B 120 -36.37 16.62 12.93
C LEU B 120 -37.83 16.65 13.39
N ARG B 121 -38.06 16.15 14.61
CA ARG B 121 -39.37 16.24 15.25
C ARG B 121 -39.27 17.20 16.43
N PRO B 122 -40.42 17.71 16.90
CA PRO B 122 -40.41 18.59 18.08
C PRO B 122 -39.80 17.92 19.30
N GLY B 123 -39.20 18.71 20.19
CA GLY B 123 -38.61 18.19 21.40
C GLY B 123 -37.23 17.60 21.16
N ARG B 124 -36.66 17.01 22.20
CA ARG B 124 -35.34 16.41 22.10
C ARG B 124 -35.35 15.20 21.19
N GLN B 125 -34.23 14.98 20.53
CA GLN B 125 -34.02 13.78 19.74
C GLN B 125 -32.52 13.60 19.60
N ARG B 126 -32.11 12.36 19.40
CA ARG B 126 -30.71 12.01 19.41
C ARG B 126 -30.31 11.39 18.08
N ILE B 127 -29.27 11.97 17.49
CA ILE B 127 -28.73 11.51 16.22
C ILE B 127 -27.29 11.11 16.46
N VAL B 128 -26.92 9.93 16.00
CA VAL B 128 -25.60 9.37 16.28
C VAL B 128 -24.85 9.04 15.00
N TYR B 129 -23.65 9.60 14.89
CA TYR B 129 -22.73 9.31 13.81
C TYR B 129 -21.54 8.51 14.32
N LYS B 130 -20.90 7.74 13.44
CA LYS B 130 -19.61 7.15 13.75
C LYS B 130 -18.65 7.38 12.59
N ALA B 131 -17.36 7.47 12.90
CA ALA B 131 -16.32 7.59 11.88
C ALA B 131 -14.98 7.08 12.39
N THR B 132 -14.23 6.45 11.50
CA THR B 132 -12.87 6.03 11.79
C THR B 132 -11.95 7.13 11.27
N LEU B 133 -11.17 7.72 12.16
CA LEU B 133 -10.46 8.96 11.84
C LEU B 133 -8.94 8.78 11.75
N PRO B 134 -8.42 8.60 10.52
CA PRO B 134 -6.99 8.39 10.30
C PRO B 134 -6.26 9.72 10.29
N ILE B 135 -6.27 10.39 11.45
CA ILE B 135 -5.70 11.72 11.59
C ILE B 135 -4.45 11.66 12.46
N ASN B 136 -3.35 12.23 11.97
CA ASN B 136 -2.08 12.19 12.68
C ASN B 136 -2.11 13.01 13.96
N SER B 137 -1.16 12.71 14.85
CA SER B 137 -1.07 13.38 16.14
CA SER B 137 -1.07 13.38 16.14
C SER B 137 -1.11 14.90 16.00
N GLY B 138 -1.76 15.57 16.95
CA GLY B 138 -1.84 17.01 16.94
C GLY B 138 -3.09 17.55 17.62
N ASP B 139 -3.15 18.88 17.71
CA ASP B 139 -4.29 19.57 18.29
C ASP B 139 -5.23 20.04 17.19
N TYR B 140 -6.51 19.69 17.32
CA TYR B 140 -7.50 20.05 16.31
C TYR B 140 -8.73 20.69 16.93
N LEU B 141 -9.58 21.24 16.07
CA LEU B 141 -10.84 21.85 16.46
C LEU B 141 -12.00 21.14 15.77
N ILE B 142 -13.05 20.86 16.53
CA ILE B 142 -14.26 20.25 15.97
C ILE B 142 -15.34 21.32 15.80
N HIS B 143 -15.93 21.34 14.62
CA HIS B 143 -17.06 22.21 14.30
C HIS B 143 -18.26 21.35 13.93
N CYS B 144 -19.47 21.85 14.17
CA CYS B 144 -20.67 21.16 13.72
CA CYS B 144 -20.67 21.15 13.71
C CYS B 144 -21.73 22.16 13.31
N GLY B 145 -22.64 21.71 12.44
CA GLY B 145 -23.66 22.59 11.89
C GLY B 145 -24.95 21.86 11.62
N LEU B 146 -26.04 22.58 11.88
CA LEU B 146 -27.38 22.09 11.63
C LEU B 146 -28.06 23.10 10.71
N ALA B 147 -28.62 22.61 9.60
CA ALA B 147 -29.26 23.49 8.64
C ALA B 147 -30.38 22.76 7.90
N LYS B 148 -31.27 23.54 7.29
CA LYS B 148 -32.28 23.00 6.40
C LYS B 148 -31.77 23.11 4.96
N VAL B 149 -31.83 22.01 4.23
CA VAL B 149 -31.23 21.92 2.91
C VAL B 149 -31.99 22.71 1.85
N GLY B 150 -33.31 22.53 1.79
CA GLY B 150 -34.09 23.00 0.66
C GLY B 150 -35.25 23.91 0.98
N ASN B 151 -36.23 23.91 0.08
CA ASN B 151 -37.34 24.87 0.10
C ASN B 151 -36.78 26.29 0.04
N GLY B 152 -36.38 26.70 -1.16
CA GLY B 152 -35.61 27.91 -1.33
C GLY B 152 -34.14 27.57 -1.23
N ASP B 153 -33.37 28.46 -0.60
CA ASP B 153 -31.95 28.21 -0.39
C ASP B 153 -31.74 27.66 1.02
N ARG B 154 -30.53 27.22 1.30
CA ARG B 154 -30.16 26.69 2.61
C ARG B 154 -30.58 27.62 3.75
N GLU B 155 -31.06 27.03 4.84
CA GLU B 155 -31.36 27.78 6.06
C GLU B 155 -30.53 27.25 7.22
N GLU B 156 -29.60 28.06 7.70
CA GLU B 156 -28.76 27.69 8.84
C GLU B 156 -29.59 27.71 10.12
N LEU B 157 -29.68 26.57 10.78
CA LEU B 157 -30.43 26.44 12.04
C LEU B 157 -29.54 26.72 13.23
N ASP B 158 -28.38 26.06 13.27
CA ASP B 158 -27.45 26.21 14.38
C ASP B 158 -26.05 25.77 13.96
N GLN B 159 -25.16 26.76 13.82
CA GLN B 159 -23.79 26.54 13.38
C GLN B 159 -22.87 26.80 14.56
N ARG B 160 -22.10 25.79 14.96
CA ARG B 160 -21.26 25.88 16.15
C ARG B 160 -19.79 25.77 15.77
N ARG B 161 -19.09 26.90 15.85
CA ARG B 161 -17.76 27.04 15.27
C ARG B 161 -16.79 27.85 16.13
N PRO B 162 -15.76 27.19 16.71
CA PRO B 162 -15.54 25.76 16.91
C PRO B 162 -16.27 25.27 18.15
N MET B 163 -16.76 24.04 18.12
CA MET B 163 -17.52 23.51 19.24
C MET B 163 -16.60 23.04 20.36
N MET B 164 -15.50 22.38 20.01
CA MET B 164 -14.59 21.87 21.02
C MET B 164 -13.20 21.56 20.47
N LYS B 165 -12.27 21.35 21.40
CA LYS B 165 -10.90 20.95 21.06
C LYS B 165 -10.80 19.43 21.14
N VAL B 166 -9.85 18.89 20.39
CA VAL B 166 -9.51 17.48 20.49
C VAL B 166 -8.06 17.29 20.10
N LYS B 167 -7.39 16.37 20.79
CA LYS B 167 -6.00 16.03 20.49
C LYS B 167 -5.91 14.60 20.00
N PHE B 168 -5.18 14.40 18.91
CA PHE B 168 -4.85 13.07 18.44
C PHE B 168 -3.45 12.68 18.87
N TRP B 169 -3.24 11.40 19.15
CA TRP B 169 -1.91 10.88 19.42
C TRP B 169 -1.77 9.57 18.66
N SER B 170 -0.54 9.15 18.37
CA SER B 170 -0.32 7.91 17.62
C SER B 170 0.92 7.17 18.08
N ALA B 171 0.93 5.87 17.82
CA ALA B 171 2.03 5.00 18.20
C ALA B 171 3.34 5.51 17.61
N ARG B 172 3.28 5.99 16.36
CA ARG B 172 4.44 6.59 15.72
C ARG B 172 4.05 7.74 14.81
N GLU B 173 4.98 8.67 14.61
CA GLU B 173 4.71 9.90 13.87
C GLU B 173 4.83 9.72 12.37
N LEU B 174 3.90 10.32 11.64
CA LEU B 174 3.92 10.35 10.18
C LEU B 174 3.89 11.79 9.70
N GLY B 175 4.18 11.98 8.41
CA GLY B 175 4.14 13.31 7.82
C GLY B 175 2.73 13.73 7.48
N GLY B 176 2.49 15.04 7.45
CA GLY B 176 1.18 15.55 7.08
C GLY B 176 0.12 15.23 8.10
N VAL B 177 -1.13 15.12 7.64
CA VAL B 177 -2.27 14.88 8.53
C VAL B 177 -2.87 13.49 8.37
N ILE B 178 -2.58 12.84 7.25
CA ILE B 178 -3.15 11.52 6.96
C ILE B 178 -2.39 10.42 7.67
N HIS B 179 -3.07 9.68 8.55
CA HIS B 179 -2.45 8.55 9.22
C HIS B 179 -2.60 7.29 8.38
N ALA B 180 -1.62 7.07 7.52
CA ALA B 180 -1.58 5.87 6.68
C ALA B 180 -0.17 5.30 6.71
N PRO B 181 0.15 4.51 7.75
CA PRO B 181 1.50 3.95 7.90
C PRO B 181 1.85 3.00 6.78
N LEU B 182 3.07 3.10 6.28
CA LEU B 182 3.56 2.14 5.28
C LEU B 182 3.69 0.75 5.85
N LYS B 183 3.37 -0.23 5.03
CA LYS B 183 3.73 -1.62 5.29
C LYS B 183 4.90 -1.95 4.37
N ILE B 184 5.95 -2.52 4.94
CA ILE B 184 7.10 -2.92 4.13
C ILE B 184 6.90 -4.36 3.63
N ILE B 185 6.75 -4.49 2.32
CA ILE B 185 6.48 -5.78 1.69
C ILE B 185 7.78 -6.50 1.35
N SER B 186 8.74 -5.74 0.85
CA SER B 186 10.03 -6.31 0.49
C SER B 186 11.08 -5.22 0.58
N ASN B 187 12.08 -5.43 1.43
CA ASN B 187 13.15 -4.46 1.63
C ASN B 187 14.44 -4.93 0.97
N GLY B 188 14.30 -5.69 -0.12
CA GLY B 188 15.44 -6.16 -0.89
C GLY B 188 16.27 -7.17 -0.12
N GLU B 189 15.68 -7.70 0.94
CA GLU B 189 16.40 -8.50 1.92
C GLU B 189 16.21 -10.00 1.66
N GLU C 21 29.79 -29.46 -27.22
CA GLU C 21 31.02 -29.09 -26.53
C GLU C 21 31.43 -30.18 -25.54
N GLU C 22 32.70 -30.14 -25.13
CA GLU C 22 33.25 -31.18 -24.26
C GLU C 22 33.21 -30.80 -22.78
N VAL C 23 32.54 -31.64 -21.98
CA VAL C 23 32.63 -31.59 -20.52
C VAL C 23 32.45 -32.99 -19.96
N SER C 24 33.26 -33.35 -18.97
CA SER C 24 33.22 -34.69 -18.38
C SER C 24 32.26 -34.77 -17.18
N VAL C 25 31.81 -35.97 -16.85
CA VAL C 25 30.98 -36.18 -15.67
C VAL C 25 31.76 -35.84 -14.41
N GLU C 26 33.07 -36.09 -14.45
CA GLU C 26 33.93 -35.74 -13.32
C GLU C 26 33.89 -34.23 -13.07
N GLU C 27 33.91 -33.46 -14.16
CA GLU C 27 33.81 -32.01 -14.08
C GLU C 27 32.44 -31.58 -13.52
N LEU C 28 31.39 -32.21 -14.02
CA LEU C 28 30.05 -31.82 -13.61
C LEU C 28 29.80 -32.16 -12.15
N LYS C 29 30.40 -33.24 -11.66
CA LYS C 29 30.28 -33.60 -10.25
C LYS C 29 30.93 -32.54 -9.38
N ALA C 30 32.09 -32.04 -9.81
CA ALA C 30 32.77 -30.97 -9.08
C ALA C 30 31.93 -29.69 -9.06
N ILE C 31 31.36 -29.34 -10.22
CA ILE C 31 30.54 -28.14 -10.32
C ILE C 31 29.28 -28.27 -9.47
N GLN C 32 28.71 -29.47 -9.47
CA GLN C 32 27.52 -29.77 -8.70
C GLN C 32 27.77 -29.46 -7.23
N LEU C 33 28.92 -29.89 -6.74
CA LEU C 33 29.26 -29.75 -5.33
C LEU C 33 29.55 -28.29 -4.99
N ARG C 34 30.41 -27.65 -5.77
CA ARG C 34 30.83 -26.29 -5.50
C ARG C 34 29.71 -25.27 -5.57
N THR C 35 28.75 -25.46 -6.48
CA THR C 35 27.72 -24.44 -6.74
C THR C 35 26.40 -24.76 -6.05
N THR C 36 26.43 -25.72 -5.12
CA THR C 36 25.29 -25.94 -4.22
C THR C 36 25.03 -24.65 -3.45
N ASN C 37 23.79 -24.20 -3.46
CA ASN C 37 23.41 -22.94 -2.83
C ASN C 37 23.21 -23.06 -1.33
N GLU C 38 24.27 -22.78 -0.58
CA GLU C 38 24.25 -22.91 0.88
C GLU C 38 23.29 -21.91 1.53
N ALA C 39 23.06 -20.79 0.87
CA ALA C 39 22.15 -19.76 1.39
C ALA C 39 20.75 -20.31 1.59
N THR C 40 20.31 -21.18 0.67
CA THR C 40 18.99 -21.79 0.78
C THR C 40 19.09 -23.14 1.48
N GLY C 41 20.25 -23.43 2.06
CA GLY C 41 20.48 -24.72 2.68
C GLY C 41 20.24 -25.84 1.71
N GLU C 42 20.66 -25.62 0.46
CA GLU C 42 20.38 -26.57 -0.62
C GLU C 42 20.95 -27.95 -0.33
N LYS C 43 20.09 -28.96 -0.50
CA LYS C 43 20.51 -30.35 -0.58
C LYS C 43 20.53 -30.73 -2.05
N ARG C 44 21.71 -31.11 -2.53
CA ARG C 44 21.88 -31.43 -3.95
C ARG C 44 22.43 -32.84 -4.14
N PHE C 45 21.80 -33.60 -5.02
CA PHE C 45 22.26 -34.95 -5.30
C PHE C 45 21.92 -35.39 -6.72
N GLY C 46 22.40 -36.57 -7.10
CA GLY C 46 22.20 -37.11 -8.42
C GLY C 46 23.51 -37.53 -9.03
N SER C 47 23.43 -38.19 -10.19
CA SER C 47 24.62 -38.75 -10.84
C SER C 47 25.46 -37.67 -11.54
N ALA C 48 24.85 -36.52 -11.78
CA ALA C 48 25.50 -35.38 -12.44
C ALA C 48 25.99 -35.70 -13.85
N ARG C 49 25.40 -36.70 -14.50
CA ARG C 49 25.71 -36.93 -15.91
C ARG C 49 25.26 -35.70 -16.70
N ALA C 50 24.27 -35.01 -16.16
CA ALA C 50 23.98 -33.64 -16.56
C ALA C 50 23.52 -32.88 -15.33
N ILE C 51 23.65 -31.56 -15.35
CA ILE C 51 23.28 -30.74 -14.20
C ILE C 51 22.50 -29.49 -14.59
N ILE C 52 21.70 -29.00 -13.66
CA ILE C 52 21.07 -27.71 -13.80
C ILE C 52 22.10 -26.66 -13.39
N GLU C 53 22.76 -26.07 -14.37
CA GLU C 53 23.83 -25.13 -14.12
C GLU C 53 23.31 -23.84 -13.51
N ASP C 54 22.17 -23.39 -14.01
CA ASP C 54 21.60 -22.12 -13.56
C ASP C 54 20.11 -22.07 -13.87
N LEU C 55 19.39 -21.28 -13.07
CA LEU C 55 18.02 -20.92 -13.34
C LEU C 55 17.90 -19.40 -13.20
N THR C 56 17.40 -18.75 -14.24
CA THR C 56 17.10 -17.32 -14.17
C THR C 56 15.61 -17.13 -14.46
N ILE C 57 14.99 -16.22 -13.72
CA ILE C 57 13.56 -16.00 -13.83
C ILE C 57 13.28 -14.58 -14.33
N TYR C 58 12.38 -14.49 -15.31
CA TYR C 58 12.02 -13.21 -15.91
C TYR C 58 10.54 -12.90 -15.72
N LYS C 59 10.23 -11.61 -15.62
CA LYS C 59 8.86 -11.13 -15.76
C LYS C 59 8.40 -11.30 -17.21
N SER C 60 7.11 -11.05 -17.43
CA SER C 60 6.56 -11.04 -18.78
C SER C 60 7.16 -9.91 -19.62
N ASP C 61 7.58 -8.82 -18.97
CA ASP C 61 8.14 -7.67 -19.70
C ASP C 61 9.63 -7.80 -19.94
N GLY C 62 10.22 -8.92 -19.50
CA GLY C 62 11.63 -9.17 -19.71
C GLY C 62 12.51 -8.81 -18.52
N THR C 63 11.92 -8.14 -17.53
CA THR C 63 12.66 -7.77 -16.32
C THR C 63 13.24 -9.00 -15.64
N THR C 64 14.54 -8.96 -15.37
CA THR C 64 15.21 -10.05 -14.66
C THR C 64 14.96 -9.92 -13.16
N LEU C 65 14.48 -11.00 -12.55
CA LEU C 65 14.20 -10.97 -11.11
C LEU C 65 15.47 -11.28 -10.31
N ALA C 66 15.50 -10.79 -9.08
CA ALA C 66 16.66 -10.92 -8.21
C ALA C 66 16.98 -12.38 -7.88
N GLU C 67 18.08 -12.59 -7.17
CA GLU C 67 18.47 -13.94 -6.73
C GLU C 67 17.39 -14.53 -5.84
N LYS C 68 16.69 -13.65 -5.13
CA LYS C 68 15.42 -14.00 -4.49
C LYS C 68 14.33 -13.26 -5.24
N PRO C 69 13.80 -13.86 -6.31
CA PRO C 69 12.78 -13.20 -7.13
C PRO C 69 11.57 -12.74 -6.33
N LEU C 70 11.08 -11.57 -6.68
CA LEU C 70 9.83 -11.05 -6.14
C LEU C 70 8.78 -11.13 -7.24
N ILE C 71 7.78 -11.98 -7.03
CA ILE C 71 6.78 -12.26 -8.07
C ILE C 71 5.40 -11.80 -7.64
N LYS C 72 4.68 -11.15 -8.55
CA LYS C 72 3.31 -10.76 -8.30
C LYS C 72 2.36 -11.93 -8.47
N SER C 73 1.51 -12.16 -7.47
CA SER C 73 0.44 -13.15 -7.55
C SER C 73 -0.31 -13.01 -8.87
N GLY C 74 -0.34 -14.09 -9.66
CA GLY C 74 -1.10 -14.12 -10.89
C GLY C 74 -0.33 -13.79 -12.16
N GLU C 75 0.93 -13.35 -12.03
CA GLU C 75 1.67 -12.95 -13.22
C GLU C 75 2.29 -14.17 -13.89
N GLU C 76 2.60 -14.03 -15.18
CA GLU C 76 3.27 -15.08 -15.94
C GLU C 76 4.78 -14.88 -15.85
N VAL C 77 5.48 -15.90 -15.38
CA VAL C 77 6.92 -15.85 -15.25
C VAL C 77 7.59 -16.85 -16.17
N THR C 78 8.81 -16.52 -16.58
CA THR C 78 9.59 -17.37 -17.46
C THR C 78 10.71 -18.01 -16.65
N PHE C 79 10.81 -19.34 -16.72
CA PHE C 79 11.90 -20.07 -16.08
C PHE C 79 12.93 -20.46 -17.13
N ASP C 80 14.09 -19.83 -17.07
CA ASP C 80 15.15 -20.02 -18.05
C ASP C 80 16.26 -20.88 -17.46
N PHE C 81 16.28 -22.16 -17.85
CA PHE C 81 17.23 -23.13 -17.31
C PHE C 81 18.45 -23.23 -18.19
N THR C 82 19.62 -23.20 -17.58
CA THR C 82 20.85 -23.57 -18.28
C THR C 82 21.23 -24.96 -17.82
N ILE C 83 21.29 -25.88 -18.78
CA ILE C 83 21.59 -27.29 -18.49
C ILE C 83 22.94 -27.66 -19.11
N LEU C 84 23.79 -28.30 -18.30
CA LEU C 84 25.09 -28.79 -18.76
C LEU C 84 25.11 -30.31 -18.75
N ALA C 85 25.39 -30.91 -19.91
CA ALA C 85 25.37 -32.37 -20.04
C ALA C 85 26.72 -32.91 -20.52
N SER C 86 27.14 -34.03 -19.94
CA SER C 86 28.42 -34.65 -20.28
C SER C 86 28.32 -35.57 -21.49
N GLU C 87 27.09 -35.87 -21.90
CA GLU C 87 26.82 -36.72 -23.05
C GLU C 87 25.38 -36.56 -23.48
N GLU C 88 24.98 -37.23 -24.55
CA GLU C 88 23.56 -37.20 -24.94
C GLU C 88 22.76 -38.05 -23.95
N ILE C 89 21.67 -37.47 -23.45
CA ILE C 89 20.77 -38.17 -22.54
C ILE C 89 19.34 -38.02 -23.02
N LYS C 90 18.75 -39.13 -23.45
CA LYS C 90 17.39 -39.13 -23.96
C LYS C 90 16.38 -39.24 -22.84
N ASP C 91 15.16 -38.80 -23.10
CA ASP C 91 14.04 -38.99 -22.19
C ASP C 91 14.33 -38.46 -20.80
N ILE C 92 14.61 -37.17 -20.70
CA ILE C 92 14.87 -36.57 -19.39
C ILE C 92 13.63 -35.86 -18.89
N ALA C 93 13.55 -35.75 -17.57
CA ALA C 93 12.49 -35.00 -16.92
C ALA C 93 13.13 -33.83 -16.21
N LEU C 94 12.69 -32.62 -16.56
CA LEU C 94 13.12 -31.41 -15.88
C LEU C 94 11.91 -30.85 -15.17
N GLY C 95 11.89 -31.03 -13.85
CA GLY C 95 10.77 -30.60 -13.02
C GLY C 95 11.09 -29.37 -12.21
N ILE C 96 10.06 -28.62 -11.88
CA ILE C 96 10.19 -27.47 -11.01
C ILE C 96 9.00 -27.48 -10.07
N SER C 97 9.24 -27.09 -8.82
CA SER C 97 8.16 -27.03 -7.83
C SER C 97 8.44 -25.93 -6.83
N MET C 98 7.41 -25.53 -6.11
CA MET C 98 7.54 -24.57 -5.04
C MET C 98 6.92 -25.09 -3.76
N SER C 99 7.57 -24.80 -2.65
CA SER C 99 7.06 -25.18 -1.33
C SER C 99 7.20 -23.99 -0.39
N LYS C 100 6.44 -24.02 0.70
CA LYS C 100 6.69 -23.10 1.81
C LYS C 100 7.98 -23.55 2.49
N ALA C 101 8.44 -22.79 3.48
CA ALA C 101 9.65 -23.14 4.19
C ALA C 101 9.57 -24.56 4.76
N GLN C 102 8.48 -24.83 5.46
CA GLN C 102 8.30 -26.09 6.15
C GLN C 102 7.72 -27.19 5.26
N GLY C 103 6.47 -27.02 4.85
CA GLY C 103 5.71 -28.08 4.21
C GLY C 103 6.20 -28.54 2.86
N GLY C 104 5.43 -29.45 2.25
CA GLY C 104 5.74 -29.97 0.93
C GLY C 104 5.32 -29.02 -0.16
N ASP C 105 5.43 -29.46 -1.42
CA ASP C 105 5.13 -28.61 -2.56
C ASP C 105 3.68 -28.11 -2.56
N ILE C 106 3.51 -26.84 -2.94
CA ILE C 106 2.19 -26.27 -3.18
C ILE C 106 1.91 -26.22 -4.69
N TRP C 107 2.99 -26.31 -5.47
CA TRP C 107 2.90 -26.30 -6.92
C TRP C 107 4.05 -27.09 -7.51
N GLY C 108 3.80 -27.77 -8.63
CA GLY C 108 4.87 -28.47 -9.32
C GLY C 108 4.43 -28.97 -10.67
N ASP C 109 5.36 -28.99 -11.62
CA ASP C 109 5.07 -29.52 -12.94
C ASP C 109 6.38 -29.83 -13.63
N SER C 110 6.30 -30.47 -14.78
CA SER C 110 7.49 -30.84 -15.54
C SER C 110 7.16 -30.94 -17.02
N ASN C 111 8.20 -31.07 -17.84
CA ASN C 111 8.01 -31.30 -19.26
C ASN C 111 7.26 -32.61 -19.51
N ILE C 112 7.48 -33.58 -18.64
CA ILE C 112 6.83 -34.88 -18.77
C ILE C 112 5.32 -34.70 -18.63
N GLY C 113 4.91 -33.98 -17.60
CA GLY C 113 3.50 -33.66 -17.42
C GLY C 113 2.93 -32.93 -18.63
N ALA C 114 3.69 -31.96 -19.13
CA ALA C 114 3.22 -31.13 -20.24
C ALA C 114 3.30 -31.84 -21.58
N GLY C 115 3.82 -33.07 -21.57
CA GLY C 115 3.79 -33.92 -22.75
C GLY C 115 4.86 -33.56 -23.76
N SER C 116 5.96 -32.99 -23.25
CA SER C 116 7.03 -32.48 -24.09
C SER C 116 8.32 -33.23 -23.81
N ALA C 117 8.86 -33.89 -24.83
CA ALA C 117 10.08 -34.66 -24.70
C ALA C 117 11.31 -33.77 -24.69
N ILE C 118 12.29 -34.14 -23.88
CA ILE C 118 13.59 -33.47 -23.90
C ILE C 118 14.72 -34.49 -24.04
N THR C 119 15.58 -34.25 -25.02
CA THR C 119 16.86 -34.95 -25.14
C THR C 119 17.96 -33.93 -24.94
N LEU C 120 18.84 -34.19 -23.99
CA LEU C 120 20.00 -33.33 -23.76
C LEU C 120 21.10 -33.69 -24.73
N ARG C 121 21.77 -32.67 -25.27
CA ARG C 121 22.95 -32.86 -26.09
C ARG C 121 24.18 -32.56 -25.24
N PRO C 122 25.35 -33.09 -25.64
CA PRO C 122 26.56 -32.73 -24.91
C PRO C 122 26.76 -31.22 -24.83
N GLY C 123 27.20 -30.74 -23.67
CA GLY C 123 27.52 -29.34 -23.51
C GLY C 123 26.39 -28.55 -22.87
N ARG C 124 26.42 -27.24 -23.09
CA ARG C 124 25.47 -26.33 -22.48
C ARG C 124 24.26 -26.11 -23.38
N GLN C 125 23.10 -25.94 -22.76
CA GLN C 125 21.87 -25.70 -23.50
C GLN C 125 20.84 -25.04 -22.60
N ARG C 126 19.86 -24.39 -23.21
CA ARG C 126 18.80 -23.73 -22.48
C ARG C 126 17.47 -24.41 -22.68
N ILE C 127 16.73 -24.56 -21.59
CA ILE C 127 15.36 -25.03 -21.64
C ILE C 127 14.51 -23.97 -20.93
N VAL C 128 13.47 -23.51 -21.63
CA VAL C 128 12.65 -22.42 -21.10
C VAL C 128 11.21 -22.86 -20.87
N TYR C 129 10.76 -22.63 -19.65
CA TYR C 129 9.37 -22.87 -19.24
C TYR C 129 8.67 -21.54 -18.99
N LYS C 130 7.34 -21.52 -19.16
CA LYS C 130 6.52 -20.40 -18.73
C LYS C 130 5.34 -20.91 -17.91
N ALA C 131 4.99 -20.19 -16.85
CA ALA C 131 3.80 -20.52 -16.07
C ALA C 131 3.18 -19.27 -15.46
N THR C 132 1.86 -19.29 -15.37
CA THR C 132 1.11 -18.26 -14.69
C THR C 132 0.84 -18.76 -13.28
N LEU C 133 1.34 -18.04 -12.28
CA LEU C 133 1.38 -18.54 -10.91
C LEU C 133 0.41 -17.79 -9.99
N PRO C 134 -0.79 -18.35 -9.77
CA PRO C 134 -1.79 -17.76 -8.87
C PRO C 134 -1.52 -18.18 -7.43
N ILE C 135 -0.37 -17.77 -6.93
CA ILE C 135 0.09 -18.11 -5.59
C ILE C 135 0.02 -16.84 -4.74
N ASN C 136 -0.61 -16.94 -3.58
CA ASN C 136 -0.77 -15.78 -2.70
C ASN C 136 0.55 -15.37 -2.08
N SER C 137 0.54 -14.18 -1.49
CA SER C 137 1.75 -13.59 -0.94
C SER C 137 2.38 -14.49 0.11
N GLY C 138 3.72 -14.50 0.14
CA GLY C 138 4.44 -15.27 1.13
C GLY C 138 5.85 -15.59 0.67
N ASP C 139 6.57 -16.28 1.53
CA ASP C 139 7.94 -16.70 1.23
C ASP C 139 7.94 -18.17 0.86
N TYR C 140 8.49 -18.49 -0.30
CA TYR C 140 8.50 -19.85 -0.79
C TYR C 140 9.90 -20.27 -1.21
N LEU C 141 10.03 -21.55 -1.54
CA LEU C 141 11.29 -22.11 -2.00
C LEU C 141 11.06 -22.75 -3.36
N ILE C 142 12.00 -22.55 -4.27
CA ILE C 142 11.96 -23.19 -5.57
C ILE C 142 12.87 -24.41 -5.57
N HIS C 143 12.29 -25.54 -5.94
CA HIS C 143 13.01 -26.79 -6.12
C HIS C 143 13.02 -27.12 -7.60
N CYS C 144 14.11 -27.69 -8.12
CA CYS C 144 14.12 -28.18 -9.47
CA CYS C 144 14.10 -28.19 -9.47
C CYS C 144 14.89 -29.49 -9.55
N GLY C 145 14.53 -30.33 -10.49
CA GLY C 145 15.10 -31.65 -10.60
C GLY C 145 15.27 -32.07 -12.03
N LEU C 146 16.42 -32.68 -12.29
CA LEU C 146 16.76 -33.21 -13.59
C LEU C 146 16.96 -34.71 -13.45
N ALA C 147 16.26 -35.49 -14.26
CA ALA C 147 16.35 -36.94 -14.17
C ALA C 147 16.13 -37.61 -15.52
N LYS C 148 16.63 -38.83 -15.66
CA LYS C 148 16.29 -39.68 -16.79
C LYS C 148 15.15 -40.60 -16.36
N VAL C 149 14.04 -40.54 -17.09
CA VAL C 149 12.78 -41.08 -16.61
C VAL C 149 12.75 -42.58 -16.35
N GLY C 150 13.49 -43.36 -17.13
CA GLY C 150 13.41 -44.80 -16.97
C GLY C 150 14.47 -45.68 -17.62
N ASN C 151 13.99 -46.66 -18.39
CA ASN C 151 14.66 -47.92 -18.72
C ASN C 151 14.44 -48.90 -17.58
N GLY C 152 15.06 -48.64 -16.44
CA GLY C 152 14.67 -49.29 -15.21
C GLY C 152 13.84 -48.30 -14.42
N ASP C 153 14.17 -48.12 -13.15
CA ASP C 153 13.62 -47.02 -12.38
C ASP C 153 14.32 -45.75 -12.86
N ARG C 154 13.86 -44.61 -12.38
CA ARG C 154 14.36 -43.33 -12.87
C ARG C 154 15.75 -43.03 -12.28
N GLU C 155 16.58 -42.32 -13.06
CA GLU C 155 17.93 -41.93 -12.61
C GLU C 155 17.95 -40.44 -12.29
N GLU C 156 18.23 -40.10 -11.03
CA GLU C 156 18.37 -38.70 -10.67
C GLU C 156 19.71 -38.18 -11.17
N LEU C 157 19.66 -37.09 -11.94
CA LEU C 157 20.85 -36.49 -12.51
C LEU C 157 21.30 -35.33 -11.63
N ASP C 158 20.36 -34.44 -11.33
CA ASP C 158 20.66 -33.28 -10.53
C ASP C 158 19.38 -32.80 -9.88
N GLN C 159 19.25 -33.09 -8.58
CA GLN C 159 18.11 -32.67 -7.78
C GLN C 159 18.56 -31.54 -6.88
N ARG C 160 17.88 -30.40 -6.97
CA ARG C 160 18.29 -29.18 -6.28
C ARG C 160 17.20 -28.70 -5.33
N ARG C 161 17.40 -28.99 -4.04
CA ARG C 161 16.32 -28.95 -3.06
C ARG C 161 16.65 -28.18 -1.78
N PRO C 162 16.27 -26.91 -1.67
CA PRO C 162 15.75 -25.99 -2.69
C PRO C 162 16.91 -25.27 -3.35
N MET C 163 16.73 -24.72 -4.55
CA MET C 163 17.83 -24.05 -5.22
C MET C 163 17.70 -22.53 -5.10
N MET C 164 16.55 -22.05 -4.64
CA MET C 164 16.26 -20.62 -4.73
C MET C 164 15.09 -20.23 -3.83
N LYS C 165 15.21 -19.08 -3.17
CA LYS C 165 14.08 -18.51 -2.43
C LYS C 165 13.26 -17.65 -3.38
N VAL C 166 11.96 -17.55 -3.11
CA VAL C 166 11.11 -16.67 -3.90
C VAL C 166 10.06 -16.06 -2.97
N LYS C 167 9.73 -14.81 -3.20
CA LYS C 167 8.68 -14.14 -2.45
C LYS C 167 7.58 -13.72 -3.41
N PHE C 168 6.35 -14.02 -3.04
CA PHE C 168 5.19 -13.53 -3.76
C PHE C 168 4.58 -12.35 -3.01
N TRP C 169 4.11 -11.37 -3.75
CA TRP C 169 3.33 -10.28 -3.18
C TRP C 169 2.03 -10.18 -3.95
N SER C 170 0.99 -9.68 -3.30
CA SER C 170 -0.36 -9.61 -3.87
C SER C 170 -0.86 -8.19 -3.82
N ALA C 171 -1.55 -7.74 -4.87
CA ALA C 171 -2.12 -6.40 -4.89
C ALA C 171 -3.16 -6.26 -3.78
N ARG C 172 -3.88 -7.34 -3.52
CA ARG C 172 -4.67 -7.45 -2.29
C ARG C 172 -4.62 -8.89 -1.78
N GLU C 173 -4.74 -9.04 -0.47
CA GLU C 173 -4.55 -10.34 0.18
C GLU C 173 -5.78 -11.20 0.13
N LEU C 174 -5.60 -12.45 -0.29
CA LEU C 174 -6.65 -13.45 -0.26
C LEU C 174 -6.32 -14.49 0.80
N GLY C 175 -7.30 -15.33 1.13
CA GLY C 175 -7.08 -16.39 2.09
C GLY C 175 -6.37 -17.56 1.45
N GLY C 176 -5.71 -18.37 2.28
CA GLY C 176 -5.04 -19.56 1.79
C GLY C 176 -3.89 -19.23 0.87
N VAL C 177 -3.60 -20.15 -0.04
CA VAL C 177 -2.45 -20.02 -0.92
C VAL C 177 -2.89 -19.77 -2.38
N ILE C 178 -4.16 -20.05 -2.67
CA ILE C 178 -4.69 -19.89 -4.03
C ILE C 178 -5.09 -18.45 -4.31
N HIS C 179 -4.46 -17.84 -5.31
CA HIS C 179 -4.83 -16.50 -5.71
C HIS C 179 -5.93 -16.54 -6.77
N ALA C 180 -7.16 -16.41 -6.31
CA ALA C 180 -8.33 -16.45 -7.18
C ALA C 180 -9.35 -15.47 -6.65
N PRO C 181 -9.22 -14.18 -7.03
CA PRO C 181 -10.12 -13.14 -6.52
C PRO C 181 -11.56 -13.32 -6.96
N LEU C 182 -12.49 -13.17 -6.03
CA LEU C 182 -13.91 -13.16 -6.35
C LEU C 182 -14.26 -11.93 -7.17
N LYS C 183 -15.27 -12.04 -8.00
CA LYS C 183 -15.94 -10.86 -8.54
C LYS C 183 -17.42 -10.98 -8.27
N ILE C 184 -18.00 -9.87 -7.86
CA ILE C 184 -19.42 -9.81 -7.56
C ILE C 184 -20.17 -9.53 -8.85
N ILE C 185 -21.21 -10.33 -9.11
CA ILE C 185 -22.02 -10.19 -10.31
C ILE C 185 -23.32 -9.44 -9.99
N SER C 186 -23.84 -9.70 -8.80
CA SER C 186 -25.08 -9.07 -8.37
C SER C 186 -25.21 -9.12 -6.84
CL CL D . 2.39 3.09 -12.64
CL CL E . 12.77 -9.21 -8.06
#